data_1B8O
#
_entry.id   1B8O
#
_cell.length_a   92.683
_cell.length_b   92.683
_cell.length_c   92.683
_cell.angle_alpha   90.00
_cell.angle_beta   90.00
_cell.angle_gamma   90.00
#
_symmetry.space_group_name_H-M   'P 21 3'
#
loop_
_entity.id
_entity.type
_entity.pdbx_description
1 polymer 'PURINE NUCLEOSIDE PHOSPHORYLASE'
2 non-polymer 'MAGNESIUM ION'
3 non-polymer 'PHOSPHATE ION'
4 non-polymer 1,4-DIDEOXY-4-AZA-1-(S)-(9-DEAZAHYPOXANTHIN-9-YL)-D-RIBITOL
5 water water
#
_entity_poly.entity_id   1
_entity_poly.type   'polypeptide(L)'
_entity_poly.pdbx_seq_one_letter_code
;MQNGYTYEDYQDTAKWLLSHTEQRPQVAVICGSGLGGLVNKLTQAQTFDYSEIPNFPESTVPGHAGRLVFGILNGRACVM
MQGRFHMYEGYPFWKVTFPVRVFRLLGVETLVVTNAAGGLNPNFEVGDIMLIRDHINLPGFSGENPLRGPNEERFGVRFP
AMSDAYDRDMRQKAHSTWKQMGEQRELQEGTYVMLGGPNFETVAECRLLRNLGADAVGMSTVPEVIVARHCGLRVFGFSL
ITNKVIMDYESQGKANHEEVLEAGKQAAQKLEQFVSLLMASIPV
;
_entity_poly.pdbx_strand_id   A
#
# COMPACT_ATOMS: atom_id res chain seq x y z
N ASN A 3 10.02 -17.22 -5.80
CA ASN A 3 10.95 -16.17 -5.29
C ASN A 3 12.28 -16.20 -6.05
N GLY A 4 13.31 -15.65 -5.40
CA GLY A 4 14.63 -15.59 -5.99
C GLY A 4 15.60 -15.11 -4.93
N TYR A 5 15.06 -14.60 -3.83
CA TYR A 5 15.87 -14.10 -2.73
C TYR A 5 16.01 -15.18 -1.66
N THR A 6 17.20 -15.28 -1.09
CA THR A 6 17.44 -16.24 -0.02
C THR A 6 17.05 -15.55 1.29
N TYR A 7 16.88 -16.32 2.35
CA TYR A 7 16.52 -15.74 3.63
C TYR A 7 17.62 -14.74 4.01
N GLU A 8 18.86 -15.14 3.78
CA GLU A 8 20.02 -14.32 4.10
C GLU A 8 20.01 -12.99 3.35
N ASP A 9 19.43 -12.97 2.15
CA ASP A 9 19.38 -11.75 1.36
C ASP A 9 18.58 -10.69 2.12
N TYR A 10 17.45 -11.11 2.68
CA TYR A 10 16.61 -10.20 3.44
C TYR A 10 17.37 -9.76 4.69
N GLN A 11 18.03 -10.72 5.33
CA GLN A 11 18.81 -10.45 6.53
C GLN A 11 19.90 -9.43 6.23
N ASP A 12 20.62 -9.64 5.14
CA ASP A 12 21.70 -8.75 4.74
C ASP A 12 21.19 -7.34 4.65
N THR A 13 20.08 -7.16 3.95
CA THR A 13 19.49 -5.85 3.77
C THR A 13 19.05 -5.23 5.09
N ALA A 14 18.37 -6.02 5.92
CA ALA A 14 17.91 -5.52 7.21
C ALA A 14 19.09 -5.08 8.07
N LYS A 15 20.13 -5.90 8.14
CA LYS A 15 21.30 -5.56 8.95
C LYS A 15 21.98 -4.29 8.42
N TRP A 16 21.95 -4.12 7.10
CA TRP A 16 22.54 -2.94 6.48
C TRP A 16 21.82 -1.70 6.98
N LEU A 17 20.49 -1.74 6.96
CA LEU A 17 19.70 -0.60 7.41
C LEU A 17 19.90 -0.33 8.90
N LEU A 18 19.80 -1.38 9.71
CA LEU A 18 19.95 -1.25 11.15
C LEU A 18 21.29 -0.62 11.51
N SER A 19 22.31 -0.85 10.69
CA SER A 19 23.63 -0.31 10.98
C SER A 19 23.86 1.09 10.40
N HIS A 20 22.95 1.59 9.56
CA HIS A 20 23.12 2.92 8.97
C HIS A 20 22.21 3.99 9.53
N THR A 21 21.37 3.63 10.49
CA THR A 21 20.48 4.57 11.13
C THR A 21 20.23 4.13 12.56
N GLU A 22 19.93 5.08 13.44
CA GLU A 22 19.66 4.76 14.83
C GLU A 22 18.17 4.45 15.00
N GLN A 23 17.38 4.84 14.00
CA GLN A 23 15.94 4.62 14.02
C GLN A 23 15.59 3.14 14.10
N ARG A 24 14.59 2.80 14.91
CA ARG A 24 14.14 1.41 15.04
C ARG A 24 12.61 1.45 14.94
N PRO A 25 12.09 1.41 13.70
CA PRO A 25 10.65 1.47 13.42
C PRO A 25 9.81 0.28 13.91
N GLN A 26 8.60 0.59 14.38
CA GLN A 26 7.68 -0.44 14.83
C GLN A 26 6.55 -0.49 13.80
N VAL A 27 6.47 0.54 12.96
CA VAL A 27 5.45 0.64 11.93
C VAL A 27 6.07 1.00 10.57
N ALA A 28 5.54 0.40 9.50
CA ALA A 28 6.02 0.71 8.14
C ALA A 28 4.82 1.19 7.32
N VAL A 29 5.02 2.23 6.52
CA VAL A 29 3.96 2.78 5.69
C VAL A 29 4.40 2.79 4.23
N ILE A 30 3.57 2.24 3.34
CA ILE A 30 3.89 2.24 1.93
C ILE A 30 3.05 3.32 1.26
N CYS A 31 3.73 4.32 0.71
CA CYS A 31 3.04 5.44 0.06
C CYS A 31 2.85 5.22 -1.45
N GLY A 32 1.59 5.23 -1.87
CA GLY A 32 1.26 5.04 -3.28
C GLY A 32 1.43 6.27 -4.16
N SER A 33 0.89 6.17 -5.38
CA SER A 33 0.98 7.25 -6.36
C SER A 33 0.50 8.60 -5.84
N GLY A 34 1.39 9.59 -5.84
CA GLY A 34 1.05 10.92 -5.38
C GLY A 34 0.82 11.04 -3.88
N LEU A 35 1.26 10.04 -3.12
CA LEU A 35 1.08 10.06 -1.67
C LEU A 35 2.42 10.17 -0.93
N GLY A 36 3.46 10.54 -1.66
CA GLY A 36 4.78 10.66 -1.06
C GLY A 36 4.85 11.73 0.01
N GLY A 37 3.87 12.64 0.01
CA GLY A 37 3.85 13.71 1.00
C GLY A 37 3.60 13.25 2.43
N LEU A 38 3.28 11.98 2.60
CA LEU A 38 3.03 11.43 3.93
C LEU A 38 4.28 11.43 4.82
N VAL A 39 5.46 11.64 4.22
CA VAL A 39 6.71 11.66 4.98
C VAL A 39 7.05 13.06 5.49
N ASN A 40 6.33 14.06 4.99
CA ASN A 40 6.56 15.45 5.33
C ASN A 40 6.65 15.89 6.79
N LYS A 41 5.88 15.25 7.67
CA LYS A 41 5.90 15.64 9.07
C LYS A 41 6.73 14.74 9.99
N LEU A 42 7.52 13.85 9.40
CA LEU A 42 8.36 12.97 10.21
C LEU A 42 9.49 13.77 10.83
N THR A 43 9.79 13.49 12.09
CA THR A 43 10.87 14.19 12.78
C THR A 43 12.07 13.24 12.88
N GLN A 44 13.27 13.81 12.99
CA GLN A 44 14.49 13.03 13.08
C GLN A 44 14.55 12.09 11.88
N ALA A 45 14.08 12.59 10.74
CA ALA A 45 14.04 11.80 9.52
C ALA A 45 15.40 11.49 8.91
N GLN A 46 15.52 10.29 8.35
CA GLN A 46 16.73 9.87 7.67
C GLN A 46 16.27 9.17 6.40
N THR A 47 16.73 9.66 5.27
CA THR A 47 16.35 9.10 3.97
C THR A 47 17.42 8.27 3.28
N PHE A 48 16.99 7.20 2.63
CA PHE A 48 17.86 6.30 1.87
C PHE A 48 17.21 6.13 0.48
N ASP A 49 17.93 6.44 -0.58
CA ASP A 49 17.37 6.24 -1.90
C ASP A 49 17.34 4.72 -2.04
N TYR A 50 16.34 4.19 -2.72
CA TYR A 50 16.27 2.72 -2.87
C TYR A 50 17.56 2.20 -3.52
N SER A 51 18.13 2.99 -4.42
CA SER A 51 19.34 2.60 -5.14
C SER A 51 20.55 2.34 -4.25
N GLU A 52 20.58 2.93 -3.06
CA GLU A 52 21.71 2.72 -2.17
C GLU A 52 21.53 1.54 -1.20
N ILE A 53 20.31 0.98 -1.18
CA ILE A 53 20.01 -0.14 -0.30
C ILE A 53 20.18 -1.48 -1.03
N PRO A 54 21.13 -2.32 -0.57
CA PRO A 54 21.33 -3.60 -1.23
C PRO A 54 20.05 -4.43 -1.43
N ASN A 55 19.90 -4.98 -2.63
CA ASN A 55 18.75 -5.83 -3.00
C ASN A 55 17.41 -5.14 -3.25
N PHE A 56 17.32 -3.85 -3.00
CA PHE A 56 16.07 -3.13 -3.21
C PHE A 56 15.80 -2.84 -4.69
N PRO A 57 14.54 -3.00 -5.13
CA PRO A 57 14.16 -2.73 -6.52
C PRO A 57 14.10 -1.20 -6.70
N GLU A 58 13.80 -0.72 -7.90
CA GLU A 58 13.73 0.73 -8.15
C GLU A 58 12.34 1.20 -8.57
N SER A 59 11.94 2.37 -8.08
CA SER A 59 10.63 2.94 -8.42
C SER A 59 10.81 3.66 -9.76
N THR A 60 10.06 3.25 -10.78
CA THR A 60 10.17 3.89 -12.09
C THR A 60 8.92 4.65 -12.50
N VAL A 61 7.90 4.64 -11.64
CA VAL A 61 6.65 5.32 -11.93
C VAL A 61 6.57 6.76 -11.40
N PRO A 62 6.12 7.69 -12.24
CA PRO A 62 6.02 9.09 -11.77
C PRO A 62 5.12 9.13 -10.53
N GLY A 63 5.52 9.94 -9.54
CA GLY A 63 4.73 10.05 -8.32
C GLY A 63 5.24 9.11 -7.24
N HIS A 64 6.34 8.42 -7.54
CA HIS A 64 7.00 7.51 -6.61
C HIS A 64 8.45 7.96 -6.52
N ALA A 65 8.80 8.59 -5.40
CA ALA A 65 10.14 9.13 -5.22
C ALA A 65 11.24 8.08 -5.19
N GLY A 66 10.93 6.89 -4.70
CA GLY A 66 11.94 5.83 -4.63
C GLY A 66 12.90 6.02 -3.47
N ARG A 67 12.36 6.34 -2.29
CA ARG A 67 13.19 6.55 -1.11
C ARG A 67 12.55 5.90 0.12
N LEU A 68 13.40 5.43 1.02
CA LEU A 68 12.95 4.83 2.28
C LEU A 68 13.26 5.88 3.34
N VAL A 69 12.22 6.36 4.02
CA VAL A 69 12.39 7.38 5.04
C VAL A 69 12.02 6.91 6.44
N PHE A 70 13.01 6.92 7.33
CA PHE A 70 12.82 6.55 8.72
C PHE A 70 12.55 7.84 9.48
N GLY A 71 11.78 7.76 10.55
CA GLY A 71 11.49 8.95 11.31
C GLY A 71 10.44 8.70 12.37
N ILE A 72 10.09 9.76 13.10
CA ILE A 72 9.10 9.65 14.13
C ILE A 72 7.85 10.39 13.70
N LEU A 73 6.70 9.73 13.84
CA LEU A 73 5.42 10.31 13.47
C LEU A 73 4.46 10.15 14.64
N ASN A 74 4.08 11.28 15.23
CA ASN A 74 3.17 11.29 16.36
C ASN A 74 3.71 10.43 17.50
N GLY A 75 5.02 10.55 17.76
CA GLY A 75 5.65 9.79 18.81
C GLY A 75 5.85 8.31 18.51
N ARG A 76 5.62 7.93 17.26
CA ARG A 76 5.78 6.55 16.85
C ARG A 76 6.91 6.41 15.85
N ALA A 77 7.82 5.47 16.10
CA ALA A 77 8.94 5.25 15.19
C ALA A 77 8.40 4.53 13.96
N CYS A 78 8.56 5.15 12.80
CA CYS A 78 8.08 4.52 11.57
C CYS A 78 9.10 4.59 10.43
N VAL A 79 8.87 3.78 9.40
CA VAL A 79 9.73 3.79 8.23
C VAL A 79 8.72 3.86 7.08
N MET A 80 8.96 4.77 6.14
CA MET A 80 8.04 4.93 5.03
C MET A 80 8.65 4.65 3.68
N MET A 81 7.91 3.92 2.86
CA MET A 81 8.36 3.66 1.50
C MET A 81 7.75 4.81 0.70
N GLN A 82 8.58 5.81 0.38
CA GLN A 82 8.11 6.94 -0.40
C GLN A 82 8.17 6.49 -1.86
N GLY A 83 7.10 5.79 -2.26
CA GLY A 83 7.03 5.24 -3.59
C GLY A 83 7.10 3.73 -3.43
N ARG A 84 6.50 2.98 -4.35
CA ARG A 84 6.52 1.53 -4.27
C ARG A 84 6.88 0.90 -5.62
N PHE A 85 6.65 -0.40 -5.74
CA PHE A 85 6.96 -1.15 -6.97
C PHE A 85 5.69 -1.85 -7.47
N HIS A 86 5.61 -2.05 -8.78
CA HIS A 86 4.45 -2.70 -9.37
C HIS A 86 4.85 -3.78 -10.35
N MET A 87 3.99 -4.78 -10.49
CA MET A 87 4.24 -5.87 -11.42
C MET A 87 4.35 -5.33 -12.85
N TYR A 88 3.53 -4.33 -13.19
CA TYR A 88 3.57 -3.79 -14.54
C TYR A 88 4.89 -3.11 -14.92
N GLU A 89 5.76 -2.89 -13.94
CA GLU A 89 7.07 -2.29 -14.21
C GLU A 89 8.02 -3.40 -14.68
N GLY A 90 7.53 -4.63 -14.60
CA GLY A 90 8.32 -5.79 -15.01
C GLY A 90 8.84 -6.59 -13.81
N TYR A 91 8.38 -6.22 -12.61
CA TYR A 91 8.81 -6.90 -11.39
C TYR A 91 7.95 -8.06 -10.97
N PRO A 92 8.58 -9.21 -10.67
CA PRO A 92 7.76 -10.34 -10.23
C PRO A 92 7.37 -9.95 -8.79
N PHE A 93 6.30 -10.51 -8.26
CA PHE A 93 5.86 -10.17 -6.91
C PHE A 93 6.91 -10.40 -5.82
N TRP A 94 7.83 -11.34 -6.03
CA TRP A 94 8.84 -11.57 -5.00
C TRP A 94 9.81 -10.39 -4.92
N LYS A 95 9.83 -9.55 -5.96
CA LYS A 95 10.68 -8.37 -5.95
C LYS A 95 9.85 -7.19 -5.42
N VAL A 96 8.60 -7.09 -5.88
CA VAL A 96 7.69 -6.04 -5.47
C VAL A 96 7.54 -6.00 -3.95
N THR A 97 7.49 -7.17 -3.34
CA THR A 97 7.28 -7.30 -1.90
C THR A 97 8.54 -7.48 -1.04
N PHE A 98 9.71 -7.42 -1.66
CA PHE A 98 10.96 -7.59 -0.93
C PHE A 98 11.03 -6.73 0.36
N PRO A 99 10.70 -5.44 0.27
CA PRO A 99 10.75 -4.58 1.46
C PRO A 99 9.93 -5.05 2.66
N VAL A 100 8.78 -5.67 2.39
CA VAL A 100 7.92 -6.13 3.47
C VAL A 100 8.62 -7.11 4.42
N ARG A 101 9.34 -8.06 3.84
CA ARG A 101 10.05 -9.03 4.66
C ARG A 101 11.26 -8.36 5.34
N VAL A 102 11.85 -7.39 4.67
CA VAL A 102 12.98 -6.68 5.26
C VAL A 102 12.48 -5.94 6.51
N PHE A 103 11.31 -5.31 6.39
CA PHE A 103 10.73 -4.57 7.52
C PHE A 103 10.51 -5.51 8.71
N ARG A 104 10.01 -6.71 8.44
CA ARG A 104 9.78 -7.67 9.50
C ARG A 104 11.12 -8.01 10.19
N LEU A 105 12.18 -8.15 9.40
CA LEU A 105 13.48 -8.47 9.97
C LEU A 105 14.12 -7.26 10.68
N LEU A 106 13.49 -6.09 10.56
CA LEU A 106 13.97 -4.86 11.22
C LEU A 106 13.31 -4.78 12.59
N GLY A 107 12.22 -5.52 12.76
CA GLY A 107 11.49 -5.49 14.01
C GLY A 107 10.14 -4.80 13.87
N VAL A 108 9.75 -4.49 12.64
CA VAL A 108 8.46 -3.85 12.40
C VAL A 108 7.33 -4.82 12.72
N GLU A 109 6.25 -4.30 13.29
CA GLU A 109 5.13 -5.15 13.66
C GLU A 109 3.83 -4.84 12.92
N THR A 110 3.72 -3.62 12.40
CA THR A 110 2.52 -3.21 11.68
C THR A 110 2.85 -2.59 10.33
N LEU A 111 2.04 -2.91 9.32
CA LEU A 111 2.25 -2.37 7.99
C LEU A 111 0.99 -1.64 7.56
N VAL A 112 1.17 -0.39 7.16
CA VAL A 112 0.08 0.43 6.67
C VAL A 112 0.31 0.58 5.15
N VAL A 113 -0.66 0.13 4.36
CA VAL A 113 -0.54 0.24 2.92
C VAL A 113 -1.51 1.29 2.40
N THR A 114 -1.05 2.10 1.47
CA THR A 114 -1.89 3.13 0.87
C THR A 114 -1.73 3.05 -0.63
N ASN A 115 -2.71 3.55 -1.35
CA ASN A 115 -2.64 3.57 -2.79
C ASN A 115 -3.63 4.54 -3.39
N ALA A 116 -3.45 4.82 -4.67
CA ALA A 116 -4.35 5.66 -5.42
C ALA A 116 -5.18 4.62 -6.16
N ALA A 117 -6.51 4.75 -6.15
CA ALA A 117 -7.35 3.76 -6.79
C ALA A 117 -8.52 4.35 -7.54
N GLY A 118 -8.99 3.62 -8.54
CA GLY A 118 -10.14 4.06 -9.31
C GLY A 118 -11.38 3.60 -8.57
N GLY A 119 -12.37 4.47 -8.47
CA GLY A 119 -13.59 4.11 -7.78
C GLY A 119 -14.57 3.34 -8.63
N LEU A 120 -15.04 2.21 -8.11
CA LEU A 120 -16.01 1.35 -8.78
C LEU A 120 -17.36 1.55 -8.11
N ASN A 121 -17.34 1.83 -6.81
CA ASN A 121 -18.58 2.08 -6.07
C ASN A 121 -19.08 3.44 -6.55
N PRO A 122 -20.28 3.47 -7.14
CA PRO A 122 -20.86 4.72 -7.65
C PRO A 122 -21.03 5.84 -6.63
N ASN A 123 -21.06 5.48 -5.35
CA ASN A 123 -21.25 6.46 -4.28
C ASN A 123 -19.94 7.12 -3.86
N PHE A 124 -18.83 6.66 -4.43
CA PHE A 124 -17.54 7.23 -4.11
C PHE A 124 -17.33 8.51 -4.92
N GLU A 125 -16.60 9.45 -4.36
CA GLU A 125 -16.31 10.70 -5.05
C GLU A 125 -14.80 10.89 -5.01
N VAL A 126 -14.25 11.56 -6.01
CA VAL A 126 -12.82 11.78 -6.06
C VAL A 126 -12.43 12.51 -4.77
N GLY A 127 -11.34 12.07 -4.15
CA GLY A 127 -10.89 12.68 -2.91
C GLY A 127 -11.28 11.84 -1.70
N ASP A 128 -12.21 10.91 -1.90
CA ASP A 128 -12.66 10.03 -0.83
C ASP A 128 -11.53 9.13 -0.33
N ILE A 129 -11.58 8.79 0.95
CA ILE A 129 -10.59 7.89 1.54
C ILE A 129 -11.37 6.62 1.82
N MET A 130 -10.91 5.50 1.27
CA MET A 130 -11.60 4.24 1.48
C MET A 130 -10.76 3.27 2.29
N LEU A 131 -11.25 2.87 3.45
CA LEU A 131 -10.56 1.90 4.28
C LEU A 131 -10.65 0.57 3.54
N ILE A 132 -9.55 -0.16 3.43
CA ILE A 132 -9.59 -1.45 2.75
C ILE A 132 -10.04 -2.50 3.76
N ARG A 133 -11.26 -2.98 3.61
CA ARG A 133 -11.78 -3.99 4.51
C ARG A 133 -11.42 -5.39 4.02
N ASP A 134 -11.23 -5.51 2.71
CA ASP A 134 -10.93 -6.80 2.09
C ASP A 134 -10.37 -6.58 0.69
N HIS A 135 -9.88 -7.65 0.07
CA HIS A 135 -9.38 -7.52 -1.30
C HIS A 135 -9.72 -8.72 -2.16
N ILE A 136 -9.53 -8.53 -3.47
CA ILE A 136 -9.74 -9.58 -4.47
C ILE A 136 -8.44 -9.59 -5.26
N ASN A 137 -7.72 -10.71 -5.20
CA ASN A 137 -6.45 -10.83 -5.89
C ASN A 137 -6.58 -11.57 -7.22
N LEU A 138 -6.83 -10.83 -8.29
CA LEU A 138 -6.99 -11.44 -9.61
C LEU A 138 -5.72 -12.17 -10.08
N PRO A 139 -4.54 -11.52 -9.97
CA PRO A 139 -3.34 -12.25 -10.40
C PRO A 139 -3.16 -13.54 -9.60
N GLY A 140 -3.57 -13.51 -8.33
CA GLY A 140 -3.47 -14.70 -7.49
C GLY A 140 -4.32 -15.84 -8.02
N PHE A 141 -5.44 -15.52 -8.65
CA PHE A 141 -6.33 -16.55 -9.20
C PHE A 141 -5.58 -17.39 -10.24
N SER A 142 -4.62 -16.77 -10.91
CA SER A 142 -3.81 -17.41 -11.95
C SER A 142 -2.51 -18.04 -11.44
N GLY A 143 -2.20 -17.82 -10.16
CA GLY A 143 -0.98 -18.39 -9.61
C GLY A 143 0.13 -17.36 -9.44
N GLU A 144 -0.10 -16.14 -9.93
CA GLU A 144 0.88 -15.05 -9.80
C GLU A 144 0.79 -14.61 -8.35
N ASN A 145 1.73 -15.10 -7.54
CA ASN A 145 1.70 -14.84 -6.11
C ASN A 145 3.10 -14.76 -5.51
N PRO A 146 3.36 -13.78 -4.63
CA PRO A 146 4.69 -13.64 -4.02
C PRO A 146 5.11 -14.87 -3.20
N LEU A 147 4.13 -15.67 -2.78
CA LEU A 147 4.40 -16.85 -1.97
C LEU A 147 4.66 -18.10 -2.82
N ARG A 148 4.52 -17.96 -4.14
CA ARG A 148 4.75 -19.10 -5.03
C ARG A 148 6.18 -19.63 -4.92
N GLY A 149 6.31 -20.96 -4.89
CA GLY A 149 7.60 -21.59 -4.77
C GLY A 149 7.82 -22.17 -3.38
N PRO A 150 9.02 -22.67 -3.08
CA PRO A 150 9.28 -23.23 -1.75
C PRO A 150 8.91 -22.23 -0.65
N ASN A 151 8.30 -22.72 0.42
CA ASN A 151 7.93 -21.85 1.52
C ASN A 151 9.07 -21.70 2.51
N GLU A 152 9.31 -20.46 2.94
CA GLU A 152 10.37 -20.19 3.91
C GLU A 152 9.70 -20.17 5.29
N GLU A 153 9.82 -21.29 6.00
CA GLU A 153 9.21 -21.45 7.32
C GLU A 153 9.63 -20.39 8.32
N ARG A 154 10.79 -19.76 8.11
CA ARG A 154 11.26 -18.74 9.03
C ARG A 154 10.43 -17.48 8.92
N PHE A 155 9.67 -17.36 7.83
CA PHE A 155 8.79 -16.21 7.64
C PHE A 155 7.35 -16.56 8.01
N GLY A 156 6.86 -17.67 7.46
CA GLY A 156 5.49 -18.07 7.74
C GLY A 156 5.15 -19.47 7.26
N VAL A 157 3.88 -19.83 7.39
CA VAL A 157 3.40 -21.16 7.01
C VAL A 157 3.12 -21.34 5.51
N ARG A 158 2.99 -22.59 5.08
CA ARG A 158 2.76 -22.89 3.67
C ARG A 158 1.44 -22.35 3.14
N PHE A 159 0.38 -22.49 3.92
CA PHE A 159 -0.95 -22.03 3.49
C PHE A 159 -1.52 -20.96 4.41
N PRO A 160 -1.06 -19.71 4.27
CA PRO A 160 -1.60 -18.67 5.15
C PRO A 160 -3.04 -18.29 4.81
N ALA A 161 -3.82 -17.98 5.86
CA ALA A 161 -5.20 -17.56 5.70
C ALA A 161 -5.21 -16.06 5.37
N MET A 162 -6.16 -15.63 4.54
CA MET A 162 -6.23 -14.22 4.16
C MET A 162 -7.59 -13.61 4.52
N SER A 163 -8.52 -14.41 5.03
CA SER A 163 -9.85 -13.90 5.38
C SER A 163 -9.85 -12.81 6.46
N ASP A 164 -8.79 -12.76 7.28
CA ASP A 164 -8.67 -11.76 8.33
C ASP A 164 -7.45 -10.87 8.12
N ALA A 165 -7.09 -10.63 6.86
CA ALA A 165 -5.91 -9.84 6.53
C ALA A 165 -5.92 -8.39 7.03
N TYR A 166 -7.04 -7.70 6.89
CA TYR A 166 -7.10 -6.31 7.31
C TYR A 166 -7.62 -6.20 8.74
N ASP A 167 -6.69 -5.98 9.66
CA ASP A 167 -6.98 -5.88 11.09
C ASP A 167 -8.31 -5.21 11.46
N ARG A 168 -9.19 -5.97 12.08
CA ARG A 168 -10.51 -5.47 12.49
C ARG A 168 -10.41 -4.35 13.50
N ASP A 169 -9.56 -4.53 14.52
CA ASP A 169 -9.42 -3.50 15.54
C ASP A 169 -8.94 -2.17 14.97
N MET A 170 -7.95 -2.21 14.09
CA MET A 170 -7.41 -0.99 13.49
C MET A 170 -8.42 -0.24 12.61
N ARG A 171 -9.36 -0.97 12.01
CA ARG A 171 -10.35 -0.32 11.18
C ARG A 171 -11.42 0.34 12.04
N GLN A 172 -11.56 -0.13 13.28
CA GLN A 172 -12.52 0.47 14.22
C GLN A 172 -11.90 1.80 14.66
N LYS A 173 -10.60 1.77 15.00
CA LYS A 173 -9.90 2.98 15.43
C LYS A 173 -9.84 3.99 14.30
N ALA A 174 -9.69 3.50 13.06
CA ALA A 174 -9.62 4.37 11.90
C ALA A 174 -10.89 5.20 11.81
N HIS A 175 -12.03 4.53 11.99
CA HIS A 175 -13.32 5.20 11.95
C HIS A 175 -13.49 6.18 13.11
N SER A 176 -13.06 5.77 14.30
CA SER A 176 -13.16 6.64 15.46
C SER A 176 -12.30 7.88 15.24
N THR A 177 -11.09 7.67 14.75
CA THR A 177 -10.15 8.74 14.49
C THR A 177 -10.66 9.71 13.42
N TRP A 178 -11.26 9.17 12.38
CA TRP A 178 -11.79 10.01 11.31
C TRP A 178 -12.82 10.97 11.89
N LYS A 179 -13.62 10.49 12.83
CA LYS A 179 -14.65 11.31 13.48
C LYS A 179 -14.06 12.52 14.18
N GLN A 180 -12.85 12.37 14.72
CA GLN A 180 -12.17 13.46 15.42
C GLN A 180 -11.69 14.54 14.48
N MET A 181 -11.56 14.19 13.20
CA MET A 181 -11.09 15.13 12.20
C MET A 181 -12.17 16.11 11.72
N GLY A 182 -13.43 15.81 12.01
CA GLY A 182 -14.51 16.69 11.58
C GLY A 182 -14.50 16.95 10.08
N GLU A 183 -14.37 15.87 9.30
CA GLU A 183 -14.35 15.96 7.84
C GLU A 183 -15.76 16.01 7.27
N GLN A 184 -15.90 16.63 6.10
CA GLN A 184 -17.19 16.74 5.45
C GLN A 184 -17.69 15.37 4.99
N ARG A 185 -16.84 14.65 4.26
CA ARG A 185 -17.19 13.33 3.76
C ARG A 185 -16.92 12.27 4.82
N GLU A 186 -17.66 11.19 4.76
CA GLU A 186 -17.50 10.11 5.71
C GLU A 186 -16.37 9.19 5.22
N LEU A 187 -15.71 8.52 6.17
CA LEU A 187 -14.63 7.61 5.82
C LEU A 187 -15.30 6.43 5.11
N GLN A 188 -14.93 6.17 3.86
CA GLN A 188 -15.51 5.06 3.11
C GLN A 188 -14.81 3.77 3.51
N GLU A 189 -15.40 2.64 3.13
CA GLU A 189 -14.84 1.34 3.44
C GLU A 189 -15.27 0.39 2.35
N GLY A 190 -14.39 -0.51 1.94
CA GLY A 190 -14.78 -1.44 0.88
C GLY A 190 -13.73 -2.43 0.46
N THR A 191 -14.03 -3.09 -0.65
CA THR A 191 -13.15 -4.11 -1.21
C THR A 191 -12.29 -3.57 -2.35
N TYR A 192 -10.99 -3.82 -2.25
CA TYR A 192 -10.05 -3.39 -3.26
C TYR A 192 -9.70 -4.57 -4.17
N VAL A 193 -9.82 -4.39 -5.48
CA VAL A 193 -9.48 -5.48 -6.39
C VAL A 193 -8.21 -5.07 -7.11
N MET A 194 -7.24 -5.99 -7.17
CA MET A 194 -6.00 -5.68 -7.86
C MET A 194 -5.94 -6.42 -9.19
N LEU A 195 -5.51 -5.70 -10.23
CA LEU A 195 -5.30 -6.30 -11.55
C LEU A 195 -3.90 -5.86 -11.97
N GLY A 196 -3.37 -6.44 -13.04
CA GLY A 196 -2.01 -6.13 -13.45
C GLY A 196 -1.62 -4.78 -14.02
N GLY A 197 -2.46 -4.24 -14.90
CA GLY A 197 -2.11 -2.97 -15.53
C GLY A 197 -1.06 -3.22 -16.61
N PRO A 198 -0.40 -2.17 -17.13
CA PRO A 198 -0.53 -0.75 -16.82
C PRO A 198 -1.65 0.05 -17.49
N ASN A 199 -2.36 -0.55 -18.44
CA ASN A 199 -3.42 0.20 -19.10
C ASN A 199 -4.60 0.36 -18.15
N PHE A 200 -5.37 1.44 -18.32
CA PHE A 200 -6.54 1.64 -17.49
C PHE A 200 -7.65 0.75 -18.05
N GLU A 201 -8.65 0.45 -17.23
CA GLU A 201 -9.74 -0.46 -17.63
C GLU A 201 -10.72 -0.02 -18.71
N THR A 202 -11.30 -1.00 -19.39
CA THR A 202 -12.31 -0.71 -20.41
C THR A 202 -13.63 -0.62 -19.64
N VAL A 203 -14.69 -0.17 -20.31
CA VAL A 203 -15.98 -0.04 -19.66
C VAL A 203 -16.51 -1.41 -19.26
N ALA A 204 -16.35 -2.39 -20.15
CA ALA A 204 -16.82 -3.75 -19.87
C ALA A 204 -16.09 -4.33 -18.66
N GLU A 205 -14.79 -4.05 -18.55
CA GLU A 205 -14.01 -4.55 -17.43
C GLU A 205 -14.46 -3.87 -16.14
N CYS A 206 -14.74 -2.58 -16.24
CA CYS A 206 -15.18 -1.81 -15.09
C CYS A 206 -16.49 -2.39 -14.54
N ARG A 207 -17.45 -2.64 -15.41
CA ARG A 207 -18.73 -3.18 -14.98
C ARG A 207 -18.57 -4.56 -14.35
N LEU A 208 -17.73 -5.38 -14.95
CA LEU A 208 -17.47 -6.73 -14.46
C LEU A 208 -16.82 -6.69 -13.06
N LEU A 209 -15.83 -5.84 -12.88
CA LEU A 209 -15.13 -5.73 -11.60
C LEU A 209 -16.07 -5.29 -10.48
N ARG A 210 -16.97 -4.36 -10.78
CA ARG A 210 -17.93 -3.89 -9.81
C ARG A 210 -18.84 -5.06 -9.45
N ASN A 211 -19.24 -5.83 -10.47
CA ASN A 211 -20.10 -6.98 -10.25
C ASN A 211 -19.44 -8.09 -9.43
N LEU A 212 -18.12 -8.05 -9.33
CA LEU A 212 -17.40 -9.04 -8.52
C LEU A 212 -17.49 -8.62 -7.06
N GLY A 213 -18.02 -7.42 -6.83
CA GLY A 213 -18.16 -6.92 -5.47
C GLY A 213 -17.02 -5.98 -5.08
N ALA A 214 -16.27 -5.50 -6.06
CA ALA A 214 -15.16 -4.59 -5.77
C ALA A 214 -15.65 -3.15 -5.69
N ASP A 215 -15.03 -2.39 -4.79
CA ASP A 215 -15.38 -0.98 -4.59
C ASP A 215 -14.35 -0.04 -5.19
N ALA A 216 -13.11 -0.52 -5.32
CA ALA A 216 -12.02 0.26 -5.87
C ALA A 216 -11.06 -0.66 -6.62
N VAL A 217 -10.41 -0.14 -7.65
CA VAL A 217 -9.48 -0.94 -8.44
C VAL A 217 -8.10 -0.31 -8.56
N GLY A 218 -7.08 -1.16 -8.47
CA GLY A 218 -5.70 -0.70 -8.56
C GLY A 218 -4.77 -1.81 -9.03
N MET A 219 -3.50 -1.46 -9.21
CA MET A 219 -2.48 -2.39 -9.69
C MET A 219 -1.36 -2.64 -8.69
N SER A 220 -1.69 -2.56 -7.39
CA SER A 220 -0.67 -2.76 -6.35
C SER A 220 -1.31 -3.24 -5.06
N THR A 221 -0.56 -3.07 -3.97
CA THR A 221 -1.02 -3.37 -2.60
C THR A 221 -1.28 -4.81 -2.16
N VAL A 222 -2.17 -5.51 -2.85
CA VAL A 222 -2.51 -6.88 -2.50
C VAL A 222 -1.31 -7.82 -2.27
N PRO A 223 -0.31 -7.81 -3.17
CA PRO A 223 0.83 -8.72 -2.94
C PRO A 223 1.58 -8.38 -1.66
N GLU A 224 1.66 -7.08 -1.35
CA GLU A 224 2.34 -6.62 -0.14
C GLU A 224 1.59 -7.10 1.10
N VAL A 225 0.27 -7.04 1.05
CA VAL A 225 -0.57 -7.47 2.16
C VAL A 225 -0.42 -8.99 2.40
N ILE A 226 -0.39 -9.75 1.31
CA ILE A 226 -0.25 -11.20 1.42
C ILE A 226 1.06 -11.56 2.11
N VAL A 227 2.16 -10.94 1.68
CA VAL A 227 3.47 -11.21 2.27
C VAL A 227 3.50 -10.75 3.73
N ALA A 228 2.84 -9.62 4.01
CA ALA A 228 2.78 -9.07 5.37
C ALA A 228 2.11 -10.06 6.32
N ARG A 229 0.95 -10.55 5.92
CA ARG A 229 0.22 -11.49 6.74
C ARG A 229 1.00 -12.79 6.89
N HIS A 230 1.60 -13.25 5.80
CA HIS A 230 2.39 -14.48 5.85
C HIS A 230 3.49 -14.40 6.92
N CYS A 231 4.16 -13.26 7.00
CA CYS A 231 5.24 -13.13 7.99
C CYS A 231 4.80 -12.55 9.33
N GLY A 232 3.49 -12.51 9.56
CA GLY A 232 2.97 -12.05 10.83
C GLY A 232 2.73 -10.58 11.12
N LEU A 233 2.79 -9.73 10.11
CA LEU A 233 2.55 -8.31 10.34
C LEU A 233 1.07 -8.00 10.45
N ARG A 234 0.72 -7.05 11.31
CA ARG A 234 -0.66 -6.61 11.46
C ARG A 234 -0.79 -5.66 10.29
N VAL A 235 -1.89 -5.76 9.55
CA VAL A 235 -2.08 -4.92 8.37
C VAL A 235 -3.31 -4.01 8.40
N PHE A 236 -3.11 -2.79 7.93
CA PHE A 236 -4.17 -1.80 7.83
C PHE A 236 -3.91 -1.04 6.54
N GLY A 237 -4.97 -0.60 5.86
CA GLY A 237 -4.73 0.14 4.64
C GLY A 237 -5.91 0.92 4.10
N PHE A 238 -5.63 1.80 3.15
CA PHE A 238 -6.69 2.58 2.52
C PHE A 238 -6.32 3.06 1.14
N SER A 239 -7.35 3.34 0.37
CA SER A 239 -7.21 3.81 -0.98
C SER A 239 -7.70 5.23 -1.04
N LEU A 240 -7.02 6.06 -1.81
CA LEU A 240 -7.47 7.42 -2.01
C LEU A 240 -8.16 7.27 -3.36
N ILE A 241 -9.45 7.58 -3.43
CA ILE A 241 -10.17 7.48 -4.68
C ILE A 241 -9.74 8.69 -5.52
N THR A 242 -8.81 8.44 -6.44
CA THR A 242 -8.25 9.50 -7.29
C THR A 242 -9.03 9.78 -8.58
N ASN A 243 -9.93 8.88 -8.94
CA ASN A 243 -10.71 9.03 -10.16
C ASN A 243 -11.84 8.02 -10.16
N LYS A 244 -12.91 8.35 -10.85
CA LYS A 244 -14.05 7.44 -10.96
C LYS A 244 -13.91 6.72 -12.29
N VAL A 245 -13.74 5.41 -12.25
CA VAL A 245 -13.57 4.65 -13.49
C VAL A 245 -14.76 4.86 -14.42
N ILE A 246 -14.48 5.03 -15.71
CA ILE A 246 -15.52 5.23 -16.72
C ILE A 246 -16.40 3.98 -16.80
N MET A 247 -17.70 4.17 -16.58
CA MET A 247 -18.66 3.05 -16.57
C MET A 247 -19.63 2.95 -17.75
N ASP A 248 -19.60 3.91 -18.67
CA ASP A 248 -20.50 3.86 -19.81
C ASP A 248 -19.82 4.36 -21.07
N TYR A 249 -20.39 3.99 -22.20
CA TYR A 249 -19.84 4.35 -23.50
C TYR A 249 -20.18 5.76 -23.97
N GLU A 250 -21.09 6.41 -23.25
CA GLU A 250 -21.52 7.76 -23.61
C GLU A 250 -20.63 8.83 -22.98
N SER A 251 -19.87 8.44 -21.94
CA SER A 251 -18.98 9.38 -21.26
C SER A 251 -17.79 9.80 -22.11
N GLN A 252 -17.34 11.04 -21.91
CA GLN A 252 -16.21 11.58 -22.64
C GLN A 252 -14.97 11.56 -21.76
N GLY A 253 -15.15 11.08 -20.53
CA GLY A 253 -14.04 11.02 -19.59
C GLY A 253 -13.02 9.97 -20.00
N LYS A 254 -11.84 10.02 -19.38
CA LYS A 254 -10.77 9.08 -19.68
C LYS A 254 -9.74 9.11 -18.54
N ALA A 255 -9.47 7.95 -17.95
CA ALA A 255 -8.51 7.85 -16.86
C ALA A 255 -7.12 8.24 -17.33
N ASN A 256 -6.38 8.93 -16.47
CA ASN A 256 -5.02 9.35 -16.78
C ASN A 256 -4.21 9.59 -15.50
N HIS A 257 -2.97 9.12 -15.52
CA HIS A 257 -2.08 9.24 -14.37
C HIS A 257 -1.89 10.67 -13.87
N GLU A 258 -1.80 11.63 -14.78
CA GLU A 258 -1.60 13.03 -14.40
C GLU A 258 -2.66 13.50 -13.41
N GLU A 259 -3.93 13.23 -13.71
CA GLU A 259 -5.01 13.62 -12.82
C GLU A 259 -5.00 12.79 -11.54
N VAL A 260 -4.49 11.57 -11.64
CA VAL A 260 -4.42 10.71 -10.46
C VAL A 260 -3.43 11.36 -9.50
N LEU A 261 -2.32 11.85 -10.05
CA LEU A 261 -1.29 12.49 -9.23
C LEU A 261 -1.81 13.81 -8.66
N GLU A 262 -2.62 14.53 -9.42
CA GLU A 262 -3.17 15.78 -8.95
C GLU A 262 -4.09 15.52 -7.77
N ALA A 263 -4.93 14.51 -7.87
CA ALA A 263 -5.85 14.17 -6.78
C ALA A 263 -5.08 13.86 -5.51
N GLY A 264 -3.98 13.12 -5.66
CA GLY A 264 -3.18 12.76 -4.50
C GLY A 264 -2.61 13.98 -3.80
N LYS A 265 -2.25 14.99 -4.58
CA LYS A 265 -1.70 16.21 -4.01
C LYS A 265 -2.79 16.99 -3.26
N GLN A 266 -3.99 17.03 -3.82
CA GLN A 266 -5.08 17.75 -3.20
C GLN A 266 -5.55 17.09 -1.90
N ALA A 267 -5.35 15.78 -1.77
CA ALA A 267 -5.77 15.05 -0.58
C ALA A 267 -4.62 14.74 0.38
N ALA A 268 -3.40 14.99 -0.07
CA ALA A 268 -2.20 14.74 0.72
C ALA A 268 -2.27 15.26 2.15
N GLN A 269 -2.67 16.53 2.31
CA GLN A 269 -2.78 17.15 3.63
C GLN A 269 -3.69 16.38 4.57
N LYS A 270 -4.93 16.16 4.14
CA LYS A 270 -5.93 15.45 4.92
C LYS A 270 -5.48 14.02 5.24
N LEU A 271 -4.77 13.41 4.31
CA LEU A 271 -4.29 12.06 4.50
C LEU A 271 -3.18 12.00 5.54
N GLU A 272 -2.32 13.02 5.53
CA GLU A 272 -1.22 13.09 6.47
C GLU A 272 -1.74 13.14 7.91
N GLN A 273 -2.69 14.03 8.16
CA GLN A 273 -3.28 14.18 9.49
C GLN A 273 -3.91 12.86 9.96
N PHE A 274 -4.67 12.24 9.07
CA PHE A 274 -5.34 10.98 9.36
C PHE A 274 -4.34 9.91 9.76
N VAL A 275 -3.29 9.77 8.95
CA VAL A 275 -2.26 8.77 9.21
C VAL A 275 -1.52 9.05 10.52
N SER A 276 -1.19 10.32 10.74
CA SER A 276 -0.50 10.72 11.96
C SER A 276 -1.33 10.42 13.20
N LEU A 277 -2.61 10.78 13.13
CA LEU A 277 -3.54 10.54 14.24
C LEU A 277 -3.56 9.04 14.53
N LEU A 278 -3.58 8.25 13.47
CA LEU A 278 -3.62 6.79 13.58
C LEU A 278 -2.42 6.20 14.29
N MET A 279 -1.26 6.83 14.15
CA MET A 279 -0.05 6.34 14.81
C MET A 279 -0.35 6.08 16.28
N ALA A 280 -1.07 7.01 16.90
CA ALA A 280 -1.44 6.89 18.30
C ALA A 280 -2.26 5.62 18.57
N SER A 281 -3.00 5.18 17.56
CA SER A 281 -3.85 3.99 17.69
C SER A 281 -3.03 2.70 17.67
N ILE A 282 -1.84 2.77 17.08
CA ILE A 282 -0.96 1.61 17.00
C ILE A 282 0.03 1.61 18.17
#